data_9DXX
#
_entry.id   9DXX
#
_cell.length_a   107.693
_cell.length_b   107.693
_cell.length_c   387.162
_cell.angle_alpha   90.000
_cell.angle_beta   90.000
_cell.angle_gamma   120.000
#
_symmetry.space_group_name_H-M   'H 3 2'
#
loop_
_entity.id
_entity.type
_entity.pdbx_description
1 polymer 'Hemagglutinin HA1 chain'
2 polymer 'Hemagglutinin HA2 chain'
3 polymer D-peptide
4 branched alpha-D-mannopyranose-(1-3)-[alpha-D-mannopyranose-(1-6)]beta-D-mannopyranose-(1-4)-2-acetamido-2-deoxy-beta-D-glucopyranose-(1-4)-[alpha-L-fucopyranose-(1-3)][alpha-L-fucopyranose-(1-6)]2-acetamido-2-deoxy-beta-D-glucopyranose
5 branched 2-acetamido-2-deoxy-beta-D-glucopyranose-(1-4)-2-acetamido-2-deoxy-beta-D-glucopyranose
6 non-polymer 2-acetamido-2-deoxy-beta-D-glucopyranose
7 non-polymer 2-[2-(2-METHOXY-ETHOXY)-ETHOXY]-ETHOXYL
8 non-polymer 'POTASSIUM ION'
9 water water
#
loop_
_entity_poly.entity_id
_entity_poly.type
_entity_poly.pdbx_seq_one_letter_code
_entity_poly.pdbx_strand_id
1 'polypeptide(L)'
;PGDTICIGYHANNSTDTVDTVLEKNVTVTHSVNLLEDSHNGKLCRLKGIAPLQLGKCNIAGWLLGNPECDPLLPVRSWSY
IVETPNSENGICYPGDFIDYEELREQLSSVSSFERFEIFPKESSWPNHNTNGVTAACSHEGKSSFYRNLLWLTEKEGSYP
KLKNSYVNKKGKEVLVLWGIHHPPNSKEQQNLYQNENAYVSVVTSNYNRRFTPEIAERPKVRDQAGRMNYYWTLLKPGDT
IIFEANGNLIAPMYAFALSRGFGSGIITSNASMHECNTKCQTPLGAINSSLPYQNIHPVTIGECPKYVRSAKLRMVTGLR
NIPSIQSR
;
A
2 'polypeptide(L)'
;GLFGAIAGFIEGGWTGMIDGWYGYHHQNEQGSGYAADQKSTQNAINGITNKVNTVIEKMNIQFTAVGKEFNKLEKRMENL
NKKVDDGFLDIWTYNAELLVLLENERTLDFHDSNVKNLYEKVKSQLKNNAKEIGNGCFEFYHKCDNECMESVRNGTYDYP
KYSEESKLNREKVDGV
;
B
3 'polypeptide(D)'
;(7YO)(F9D)(DAR)(DPN)(DCY)(DPR)(DSN)(DIL)(KW4)(DLY)(DLY)(DCY)(DAR)(DAR)(DAS)(DSN)
(DAS)(DCY)(DPR)G(HMF)(DCY)(DIL)(DCY)(DLY)G(DSG)G(DTY)(DCY)G
;
E
#
# COMPACT_ATOMS: atom_id res chain seq x y z
N PRO A 1 43.30 -28.63 37.76
CA PRO A 1 44.67 -28.33 38.16
C PRO A 1 45.43 -27.50 37.10
N GLY A 2 44.69 -26.80 36.25
CA GLY A 2 45.28 -26.05 35.15
C GLY A 2 44.41 -24.89 34.71
N ASP A 3 45.06 -23.86 34.20
CA ASP A 3 44.37 -22.68 33.69
C ASP A 3 43.67 -22.98 32.36
N THR A 4 42.51 -22.37 32.16
CA THR A 4 41.70 -22.64 30.99
C THR A 4 41.20 -21.37 30.32
N ILE A 5 41.19 -21.41 29.00
CA ILE A 5 40.41 -20.48 28.22
C ILE A 5 39.52 -21.31 27.29
N CYS A 6 38.25 -20.90 27.18
CA CYS A 6 37.24 -21.58 26.39
C CYS A 6 36.67 -20.62 25.38
N ILE A 7 36.29 -21.15 24.21
CA ILE A 7 35.60 -20.37 23.17
C ILE A 7 34.12 -20.71 23.24
N GLY A 8 33.27 -19.69 23.16
CA GLY A 8 31.85 -19.94 23.31
C GLY A 8 31.01 -18.87 22.64
N TYR A 9 29.69 -18.97 22.82
CA TYR A 9 28.79 -18.07 22.15
C TYR A 9 27.69 -17.62 23.10
N HIS A 10 27.04 -16.53 22.69
CA HIS A 10 26.04 -15.82 23.49
C HIS A 10 24.74 -16.62 23.62
N ALA A 11 24.16 -16.57 24.82
CA ALA A 11 22.80 -17.00 25.08
C ALA A 11 22.11 -15.89 25.86
N ASN A 12 20.78 -15.92 25.85
CA ASN A 12 19.99 -14.89 26.53
C ASN A 12 18.61 -15.46 26.82
N ASN A 13 17.69 -14.62 27.29
CA ASN A 13 16.36 -15.11 27.61
C ASN A 13 15.33 -14.88 26.50
N SER A 14 15.78 -14.63 25.28
CA SER A 14 14.87 -14.41 24.16
C SER A 14 14.01 -15.65 23.89
N THR A 15 12.74 -15.42 23.57
CA THR A 15 11.85 -16.48 23.11
C THR A 15 11.44 -16.32 21.65
N ASP A 16 11.99 -15.33 20.94
CA ASP A 16 11.88 -15.25 19.48
C ASP A 16 12.10 -16.60 18.83
N THR A 17 11.17 -16.99 17.95
CA THR A 17 11.35 -18.18 17.13
C THR A 17 11.34 -17.82 15.66
N VAL A 18 12.10 -18.56 14.85
CA VAL A 18 12.11 -18.41 13.41
C VAL A 18 12.00 -19.77 12.77
N ASP A 19 11.69 -19.79 11.48
CA ASP A 19 11.63 -21.03 10.73
C ASP A 19 12.83 -21.08 9.79
N THR A 20 13.27 -22.28 9.51
CA THR A 20 14.34 -22.52 8.57
C THR A 20 13.85 -23.64 7.67
N VAL A 21 14.65 -24.01 6.68
CA VAL A 21 14.20 -25.07 5.78
C VAL A 21 14.29 -26.42 6.49
N LEU A 22 15.35 -26.65 7.29
CA LEU A 22 15.54 -27.93 7.96
C LEU A 22 14.74 -28.07 9.24
N GLU A 23 14.26 -26.98 9.81
CA GLU A 23 13.71 -27.00 11.16
C GLU A 23 12.80 -25.79 11.36
N LYS A 24 11.64 -26.02 11.95
CA LYS A 24 10.74 -24.94 12.32
C LYS A 24 10.92 -24.57 13.79
N ASN A 25 10.52 -23.34 14.12
CA ASN A 25 10.44 -22.89 15.51
C ASN A 25 11.78 -23.02 16.24
N VAL A 26 12.83 -22.52 15.61
CA VAL A 26 14.10 -22.39 16.29
C VAL A 26 14.09 -21.11 17.11
N THR A 27 14.38 -21.25 18.41
CA THR A 27 14.52 -20.12 19.33
C THR A 27 15.91 -19.53 19.16
N VAL A 28 15.96 -18.22 18.98
CA VAL A 28 17.18 -17.55 18.58
C VAL A 28 17.38 -16.34 19.47
N THR A 29 18.65 -15.92 19.60
CA THR A 29 18.97 -14.88 20.56
C THR A 29 18.47 -13.52 20.10
N HIS A 30 18.49 -13.27 18.80
CA HIS A 30 18.02 -12.01 18.23
C HIS A 30 17.35 -12.26 16.88
N SER A 31 16.40 -11.41 16.54
CA SER A 31 15.68 -11.55 15.27
C SER A 31 15.01 -10.23 15.00
N VAL A 32 14.45 -10.10 13.81
CA VAL A 32 13.82 -8.86 13.38
C VAL A 32 12.57 -9.21 12.57
N ASN A 33 11.46 -8.55 12.91
CA ASN A 33 10.19 -8.73 12.20
C ASN A 33 10.22 -7.93 10.90
N LEU A 34 9.96 -8.61 9.79
CA LEU A 34 9.90 -7.97 8.48
C LEU A 34 8.48 -7.71 8.00
N LEU A 35 7.46 -8.10 8.76
CA LEU A 35 6.06 -8.08 8.31
C LEU A 35 5.27 -7.07 9.16
N GLU A 36 4.99 -5.91 8.57
CA GLU A 36 4.16 -4.91 9.24
C GLU A 36 2.71 -5.36 9.33
N ASP A 37 2.17 -5.45 10.56
CA ASP A 37 0.76 -5.75 10.78
C ASP A 37 0.03 -4.67 11.58
N SER A 38 0.57 -3.45 11.64
CA SER A 38 0.00 -2.39 12.46
C SER A 38 -0.41 -1.22 11.59
N HIS A 39 -1.58 -0.67 11.89
CA HIS A 39 -2.10 0.54 11.26
C HIS A 39 -2.87 1.34 12.32
N ASN A 40 -3.04 2.64 12.07
CA ASN A 40 -3.63 3.54 13.05
C ASN A 40 -5.17 3.54 13.02
N GLY A 41 -5.78 2.75 12.14
CA GLY A 41 -7.22 2.62 12.10
C GLY A 41 -7.98 3.84 11.63
N LYS A 42 -7.30 4.78 10.97
CA LYS A 42 -7.88 6.05 10.59
C LYS A 42 -7.62 6.35 9.12
N LEU A 43 -8.37 7.32 8.59
CA LEU A 43 -8.04 7.94 7.31
C LEU A 43 -7.22 9.18 7.60
N CYS A 44 -6.23 9.46 6.75
CA CYS A 44 -5.28 10.52 7.02
C CYS A 44 -5.02 11.30 5.76
N ARG A 45 -4.41 12.47 5.94
CA ARG A 45 -3.93 13.19 4.78
C ARG A 45 -2.71 12.49 4.21
N LEU A 46 -2.49 12.71 2.93
CA LEU A 46 -1.31 12.22 2.24
C LEU A 46 -0.55 13.45 1.79
N LYS A 47 0.63 13.67 2.39
CA LYS A 47 1.42 14.87 2.14
C LYS A 47 0.61 16.13 2.44
N GLY A 48 -0.04 16.12 3.61
CA GLY A 48 -0.81 17.26 4.08
C GLY A 48 -2.15 17.49 3.40
N ILE A 49 -2.49 16.73 2.36
CA ILE A 49 -3.73 16.98 1.62
C ILE A 49 -4.78 15.95 2.03
N ALA A 50 -5.95 16.45 2.40
CA ALA A 50 -7.02 15.58 2.86
C ALA A 50 -7.67 14.83 1.68
N PRO A 51 -8.18 13.63 1.93
CA PRO A 51 -8.90 12.90 0.88
C PRO A 51 -10.28 13.51 0.68
N LEU A 52 -10.90 13.13 -0.43
CA LEU A 52 -12.26 13.54 -0.73
C LEU A 52 -13.21 12.45 -0.23
N GLN A 53 -13.95 12.75 0.84
CA GLN A 53 -14.90 11.82 1.41
C GLN A 53 -16.28 12.00 0.76
N LEU A 54 -16.65 11.05 -0.09
CA LEU A 54 -17.96 11.09 -0.73
C LEU A 54 -19.09 10.75 0.23
N GLY A 55 -18.78 10.07 1.33
CA GLY A 55 -19.81 9.75 2.32
C GLY A 55 -20.91 8.89 1.74
N LYS A 56 -22.16 9.38 1.81
CA LYS A 56 -23.30 8.67 1.28
C LYS A 56 -23.44 8.82 -0.23
N CYS A 57 -22.63 9.66 -0.85
CA CYS A 57 -22.63 9.84 -2.29
C CYS A 57 -21.61 8.91 -2.96
N ASN A 58 -21.78 8.70 -4.26
CA ASN A 58 -20.80 8.03 -5.10
C ASN A 58 -20.35 9.01 -6.18
N ILE A 59 -19.45 8.54 -7.06
CA ILE A 59 -18.87 9.42 -8.07
C ILE A 59 -19.96 10.02 -8.95
N ALA A 60 -20.91 9.18 -9.40
CA ALA A 60 -22.04 9.67 -10.20
C ALA A 60 -22.73 10.86 -9.53
N GLY A 61 -23.17 10.67 -8.29
CA GLY A 61 -23.86 11.74 -7.59
C GLY A 61 -23.00 12.98 -7.41
N TRP A 62 -21.71 12.77 -7.15
CA TRP A 62 -20.80 13.89 -6.95
C TRP A 62 -20.68 14.71 -8.22
N LEU A 63 -20.46 14.07 -9.35
CA LEU A 63 -20.18 14.81 -10.57
C LEU A 63 -21.43 15.34 -11.24
N LEU A 64 -22.56 14.62 -11.14
CA LEU A 64 -23.81 15.17 -11.64
C LEU A 64 -24.37 16.27 -10.75
N GLY A 65 -23.94 16.31 -9.48
CA GLY A 65 -24.57 17.22 -8.54
C GLY A 65 -25.90 16.74 -8.01
N ASN A 66 -26.00 15.46 -7.66
CA ASN A 66 -27.11 14.96 -6.85
C ASN A 66 -27.29 15.87 -5.63
N PRO A 67 -28.50 16.37 -5.37
CA PRO A 67 -28.66 17.36 -4.28
C PRO A 67 -28.28 16.84 -2.92
N GLU A 68 -28.30 15.52 -2.70
CA GLU A 68 -27.79 14.99 -1.44
C GLU A 68 -26.29 15.24 -1.26
N CYS A 69 -25.57 15.58 -2.33
CA CYS A 69 -24.11 15.71 -2.30
C CYS A 69 -23.63 17.15 -2.22
N ASP A 70 -24.56 18.10 -2.04
CA ASP A 70 -24.26 19.54 -1.99
C ASP A 70 -23.02 19.87 -1.17
N PRO A 71 -22.76 19.25 -0.01
CA PRO A 71 -21.52 19.58 0.73
C PRO A 71 -20.23 19.33 -0.04
N LEU A 72 -20.27 18.56 -1.14
CA LEU A 72 -19.07 18.29 -1.93
C LEU A 72 -18.80 19.35 -2.99
N LEU A 73 -19.80 20.15 -3.32
CA LEU A 73 -19.63 21.19 -4.33
C LEU A 73 -18.39 22.06 -4.12
N PRO A 74 -18.09 22.57 -2.91
CA PRO A 74 -16.96 23.51 -2.81
C PRO A 74 -15.59 22.84 -2.88
N VAL A 75 -15.48 21.53 -2.59
CA VAL A 75 -14.18 20.86 -2.52
C VAL A 75 -13.53 20.83 -3.89
N ARG A 76 -12.26 21.27 -3.94
CA ARG A 76 -11.55 21.51 -5.19
C ARG A 76 -10.32 20.63 -5.40
N SER A 77 -9.71 20.09 -4.35
CA SER A 77 -8.49 19.34 -4.50
C SER A 77 -8.42 18.26 -3.42
N TRP A 78 -7.82 17.12 -3.77
CA TRP A 78 -7.75 16.00 -2.84
C TRP A 78 -6.53 15.14 -3.12
N SER A 79 -6.15 14.36 -2.11
CA SER A 79 -5.05 13.41 -2.20
C SER A 79 -5.52 12.03 -2.65
N TYR A 80 -6.75 11.66 -2.34
CA TYR A 80 -7.37 10.44 -2.83
C TYR A 80 -8.89 10.57 -2.62
N ILE A 81 -9.63 9.59 -3.14
CA ILE A 81 -11.09 9.60 -3.11
C ILE A 81 -11.57 8.39 -2.33
N VAL A 82 -12.47 8.62 -1.39
CA VAL A 82 -12.98 7.59 -0.49
C VAL A 82 -14.48 7.44 -0.70
N GLU A 83 -14.91 6.27 -1.16
CA GLU A 83 -16.29 5.84 -1.11
C GLU A 83 -16.52 4.99 0.13
N THR A 84 -17.78 4.89 0.54
CA THR A 84 -18.11 4.10 1.72
C THR A 84 -19.02 2.95 1.30
N PRO A 85 -19.26 1.98 2.18
CA PRO A 85 -20.29 0.97 1.90
C PRO A 85 -21.67 1.55 1.72
N ASN A 86 -21.94 2.73 2.28
CA ASN A 86 -23.22 3.41 2.13
C ASN A 86 -23.17 4.49 1.06
N SER A 87 -22.30 4.34 0.06
CA SER A 87 -22.16 5.34 -1.00
C SER A 87 -23.22 5.08 -2.05
N GLU A 88 -24.46 5.50 -1.74
CA GLU A 88 -25.64 5.09 -2.51
C GLU A 88 -26.26 6.18 -3.38
N ASN A 89 -26.02 7.46 -3.09
CA ASN A 89 -26.65 8.56 -3.82
C ASN A 89 -25.88 8.85 -5.11
N GLY A 90 -26.35 8.29 -6.22
CA GLY A 90 -25.75 8.54 -7.52
C GLY A 90 -26.72 9.23 -8.44
N ILE A 91 -27.19 8.51 -9.47
CA ILE A 91 -28.27 9.03 -10.29
C ILE A 91 -29.55 8.98 -9.47
N CYS A 92 -30.30 10.08 -9.48
CA CYS A 92 -31.57 10.10 -8.78
C CYS A 92 -32.76 9.97 -9.71
N TYR A 93 -32.64 10.40 -10.97
CA TYR A 93 -33.61 10.03 -11.98
C TYR A 93 -33.11 8.79 -12.69
N PRO A 94 -33.87 7.70 -12.70
CA PRO A 94 -33.30 6.43 -13.14
C PRO A 94 -32.86 6.45 -14.59
N GLY A 95 -31.91 5.57 -14.90
CA GLY A 95 -31.34 5.52 -16.24
C GLY A 95 -29.97 4.88 -16.19
N ASP A 96 -29.28 4.95 -17.32
CA ASP A 96 -27.94 4.39 -17.48
C ASP A 96 -26.90 5.51 -17.49
N PHE A 97 -25.79 5.30 -16.79
CA PHE A 97 -24.63 6.18 -16.86
C PHE A 97 -23.62 5.48 -17.78
N ILE A 98 -23.41 6.01 -18.98
CA ILE A 98 -22.63 5.30 -20.01
C ILE A 98 -21.14 5.48 -19.76
N ASP A 99 -20.40 4.36 -19.90
CA ASP A 99 -18.96 4.31 -19.61
C ASP A 99 -18.66 4.92 -18.25
N TYR A 100 -19.49 4.59 -17.26
CA TYR A 100 -19.25 5.08 -15.91
C TYR A 100 -17.91 4.58 -15.36
N GLU A 101 -17.58 3.29 -15.53
CA GLU A 101 -16.33 2.79 -14.93
C GLU A 101 -15.11 3.44 -15.56
N GLU A 102 -15.17 3.75 -16.86
CA GLU A 102 -14.12 4.53 -17.50
C GLU A 102 -14.03 5.92 -16.86
N LEU A 103 -15.17 6.54 -16.58
CA LEU A 103 -15.15 7.86 -15.98
C LEU A 103 -14.50 7.82 -14.60
N ARG A 104 -14.86 6.82 -13.78
CA ARG A 104 -14.17 6.62 -12.50
C ARG A 104 -12.67 6.42 -12.71
N GLU A 105 -12.29 5.63 -13.71
CA GLU A 105 -10.86 5.44 -13.97
C GLU A 105 -10.19 6.77 -14.27
N GLN A 106 -10.87 7.65 -15.01
CA GLN A 106 -10.32 8.96 -15.33
C GLN A 106 -10.17 9.83 -14.10
N LEU A 107 -11.15 9.80 -13.21
CA LEU A 107 -11.04 10.60 -11.99
C LEU A 107 -9.94 10.10 -11.06
N SER A 108 -9.45 8.87 -11.26
CA SER A 108 -8.44 8.29 -10.37
C SER A 108 -7.10 8.99 -10.46
N SER A 109 -6.80 9.63 -11.58
CA SER A 109 -5.56 10.39 -11.75
C SER A 109 -5.79 11.90 -11.69
N VAL A 110 -6.98 12.36 -11.33
CA VAL A 110 -7.26 13.77 -11.13
C VAL A 110 -6.89 14.13 -9.70
N SER A 111 -6.17 15.24 -9.53
CA SER A 111 -5.82 15.71 -8.19
C SER A 111 -6.52 17.00 -7.80
N SER A 112 -7.05 17.76 -8.75
CA SER A 112 -7.87 18.91 -8.44
C SER A 112 -8.58 19.30 -9.71
N PHE A 113 -9.69 20.02 -9.56
CA PHE A 113 -10.35 20.53 -10.75
C PHE A 113 -10.98 21.89 -10.44
N GLU A 114 -11.54 22.51 -11.46
CA GLU A 114 -12.25 23.78 -11.32
C GLU A 114 -13.68 23.59 -11.78
N ARG A 115 -14.62 23.66 -10.84
CA ARG A 115 -16.03 23.68 -11.21
C ARG A 115 -16.39 25.06 -11.73
N PHE A 116 -16.91 25.13 -12.95
CA PHE A 116 -17.24 26.41 -13.56
C PHE A 116 -18.48 26.24 -14.41
N GLU A 117 -19.17 27.36 -14.60
CA GLU A 117 -20.46 27.38 -15.28
C GLU A 117 -20.20 27.40 -16.78
N ILE A 118 -20.25 26.23 -17.42
CA ILE A 118 -19.96 26.18 -18.85
C ILE A 118 -21.06 26.85 -19.65
N PHE A 119 -22.31 26.71 -19.21
CA PHE A 119 -23.49 27.21 -19.92
C PHE A 119 -24.41 27.90 -18.94
N PRO A 120 -24.14 29.18 -18.62
CA PRO A 120 -24.88 29.86 -17.54
C PRO A 120 -26.38 29.77 -17.71
N LYS A 121 -27.08 29.61 -16.57
CA LYS A 121 -28.51 29.37 -16.60
C LYS A 121 -29.27 30.55 -17.20
N GLU A 122 -28.95 31.76 -16.75
CA GLU A 122 -29.76 32.93 -17.07
C GLU A 122 -29.46 33.52 -18.43
N SER A 123 -28.52 32.95 -19.18
CA SER A 123 -28.12 33.57 -20.45
C SER A 123 -27.86 32.59 -21.58
N SER A 124 -28.03 31.28 -21.37
CA SER A 124 -27.75 30.33 -22.45
C SER A 124 -29.01 29.85 -23.15
N TRP A 125 -30.17 29.98 -22.52
CA TRP A 125 -31.40 29.37 -23.05
C TRP A 125 -32.53 30.40 -23.04
N PRO A 126 -32.40 31.45 -23.86
CA PRO A 126 -33.43 32.50 -23.87
C PRO A 126 -34.78 32.03 -24.36
N ASN A 127 -34.83 30.97 -25.17
CA ASN A 127 -36.06 30.50 -25.78
C ASN A 127 -36.50 29.15 -25.26
N HIS A 128 -36.03 28.76 -24.08
CA HIS A 128 -36.40 27.50 -23.46
C HIS A 128 -36.55 27.71 -21.96
N ASN A 129 -37.41 26.90 -21.36
CA ASN A 129 -37.56 26.92 -19.91
C ASN A 129 -36.46 26.06 -19.27
N THR A 130 -35.73 26.69 -18.36
CA THR A 130 -34.66 26.06 -17.61
C THR A 130 -35.15 25.83 -16.19
N ASN A 131 -36.20 25.04 -16.02
CA ASN A 131 -36.85 24.97 -14.73
C ASN A 131 -37.36 23.58 -14.36
N GLY A 132 -37.18 22.59 -15.22
CA GLY A 132 -37.66 21.25 -14.93
C GLY A 132 -37.08 20.67 -13.67
N VAL A 133 -37.93 20.07 -12.84
CA VAL A 133 -37.52 19.39 -11.63
C VAL A 133 -38.23 18.04 -11.60
N THR A 134 -37.84 17.22 -10.64
CA THR A 134 -38.44 15.91 -10.49
C THR A 134 -38.41 15.53 -9.01
N ALA A 135 -39.45 14.78 -8.61
CA ALA A 135 -39.49 14.28 -7.25
C ALA A 135 -38.47 13.20 -7.01
N ALA A 136 -37.96 12.57 -8.08
CA ALA A 136 -36.86 11.63 -7.92
C ALA A 136 -35.58 12.30 -7.44
N CYS A 137 -35.44 13.61 -7.65
CA CYS A 137 -34.29 14.35 -7.14
C CYS A 137 -34.74 15.40 -6.13
N SER A 138 -35.48 14.97 -5.11
CA SER A 138 -35.97 15.90 -4.10
C SER A 138 -34.82 16.46 -3.29
N HIS A 139 -34.93 17.73 -2.93
CA HIS A 139 -34.09 18.33 -1.91
C HIS A 139 -35.00 18.99 -0.89
N GLU A 140 -34.80 18.64 0.38
CA GLU A 140 -35.62 19.17 1.49
C GLU A 140 -37.11 18.96 1.26
N GLY A 141 -37.51 17.90 0.56
CA GLY A 141 -38.91 17.61 0.33
C GLY A 141 -39.50 18.16 -0.97
N LYS A 142 -38.89 19.18 -1.57
CA LYS A 142 -39.39 19.73 -2.82
C LYS A 142 -38.67 19.12 -4.01
N SER A 143 -39.40 18.90 -5.11
CA SER A 143 -38.80 18.40 -6.34
C SER A 143 -37.66 19.31 -6.78
N SER A 144 -36.61 18.71 -7.30
CA SER A 144 -35.40 19.49 -7.64
C SER A 144 -34.65 18.77 -8.75
N PHE A 145 -33.38 19.14 -8.94
CA PHE A 145 -32.61 18.62 -10.05
C PHE A 145 -31.12 18.71 -9.72
N TYR A 146 -30.32 18.05 -10.56
CA TYR A 146 -28.88 18.02 -10.39
C TYR A 146 -28.29 19.43 -10.44
N ARG A 147 -27.38 19.74 -9.51
CA ARG A 147 -26.79 21.08 -9.48
C ARG A 147 -25.82 21.35 -10.62
N ASN A 148 -25.54 20.37 -11.49
CA ASN A 148 -24.61 20.57 -12.60
C ASN A 148 -25.25 20.39 -13.95
N LEU A 149 -26.53 20.03 -14.00
CA LEU A 149 -27.26 19.89 -15.24
C LEU A 149 -28.52 20.77 -15.22
N LEU A 150 -29.19 20.83 -16.37
CA LEU A 150 -30.34 21.73 -16.52
C LEU A 150 -31.34 21.08 -17.45
N TRP A 151 -32.56 20.88 -16.96
CA TRP A 151 -33.63 20.29 -17.76
C TRP A 151 -34.23 21.39 -18.64
N LEU A 152 -34.09 21.23 -19.96
CA LEU A 152 -34.67 22.17 -20.90
C LEU A 152 -36.04 21.67 -21.33
N THR A 153 -37.03 22.55 -21.26
CA THR A 153 -38.40 22.18 -21.61
C THR A 153 -38.99 23.23 -22.56
N GLU A 154 -40.11 22.85 -23.18
CA GLU A 154 -40.84 23.75 -24.05
C GLU A 154 -41.16 25.07 -23.35
N LYS A 155 -41.09 26.16 -24.11
CA LYS A 155 -41.43 27.49 -23.60
C LYS A 155 -42.49 28.08 -24.52
N GLU A 156 -43.70 28.27 -23.98
CA GLU A 156 -44.85 28.81 -24.73
C GLU A 156 -45.22 27.90 -25.91
N GLY A 157 -45.21 26.59 -25.68
CA GLY A 157 -45.78 25.64 -26.61
C GLY A 157 -44.91 25.23 -27.78
N SER A 158 -43.70 25.77 -27.91
CA SER A 158 -42.80 25.34 -28.97
C SER A 158 -41.39 25.13 -28.41
N TYR A 159 -40.77 24.02 -28.82
CA TYR A 159 -39.38 23.74 -28.47
C TYR A 159 -38.52 24.01 -29.70
N PRO A 160 -38.04 25.24 -29.87
CA PRO A 160 -37.25 25.57 -31.06
C PRO A 160 -35.93 24.83 -31.06
N LYS A 161 -35.45 24.49 -32.26
CA LYS A 161 -34.16 23.84 -32.39
C LYS A 161 -33.07 24.75 -31.81
N LEU A 162 -32.32 24.21 -30.84
CA LEU A 162 -31.24 24.95 -30.19
C LEU A 162 -29.90 24.48 -30.71
N LYS A 163 -28.90 25.36 -30.63
CA LYS A 163 -27.54 25.02 -31.02
C LYS A 163 -26.62 25.96 -30.26
N ASN A 164 -25.99 25.45 -29.21
CA ASN A 164 -25.08 26.21 -28.39
C ASN A 164 -23.70 25.54 -28.42
N SER A 165 -22.67 26.33 -28.15
CA SER A 165 -21.31 25.80 -28.18
C SER A 165 -20.50 26.43 -27.07
N TYR A 166 -19.41 25.75 -26.73
CA TYR A 166 -18.45 26.25 -25.75
C TYR A 166 -17.06 25.95 -26.30
N VAL A 167 -16.11 26.84 -26.00
CA VAL A 167 -14.73 26.70 -26.44
C VAL A 167 -13.85 26.58 -25.21
N ASN A 168 -13.01 25.55 -25.17
CA ASN A 168 -12.23 25.25 -23.98
C ASN A 168 -11.00 26.15 -23.93
N LYS A 169 -11.17 27.35 -23.38
CA LYS A 169 -10.03 28.23 -23.17
C LYS A 169 -9.47 28.10 -21.77
N LYS A 170 -9.86 27.06 -21.03
CA LYS A 170 -9.31 26.82 -19.70
C LYS A 170 -7.85 26.37 -19.73
N GLY A 171 -7.33 26.00 -20.91
CA GLY A 171 -5.99 25.47 -20.98
C GLY A 171 -5.78 24.18 -20.24
N LYS A 172 -6.85 23.44 -19.96
CA LYS A 172 -6.79 22.11 -19.37
C LYS A 172 -7.95 21.31 -19.93
N GLU A 173 -7.95 20.01 -19.66
CA GLU A 173 -9.08 19.18 -20.04
C GLU A 173 -10.32 19.63 -19.30
N VAL A 174 -11.45 19.63 -20.00
CA VAL A 174 -12.74 19.95 -19.40
C VAL A 174 -13.61 18.70 -19.47
N LEU A 175 -13.98 18.17 -18.30
CA LEU A 175 -14.97 17.10 -18.23
C LEU A 175 -16.37 17.69 -18.40
N VAL A 176 -17.10 17.22 -19.40
CA VAL A 176 -18.46 17.69 -19.68
C VAL A 176 -19.42 16.52 -19.57
N LEU A 177 -20.46 16.69 -18.77
CA LEU A 177 -21.54 15.72 -18.63
C LEU A 177 -22.84 16.31 -19.17
N TRP A 178 -23.70 15.44 -19.72
CA TRP A 178 -25.05 15.83 -20.13
C TRP A 178 -25.94 14.61 -20.04
N GLY A 179 -27.24 14.83 -20.32
CA GLY A 179 -28.22 13.79 -20.16
C GLY A 179 -29.21 13.78 -21.31
N ILE A 180 -29.92 12.66 -21.42
CA ILE A 180 -30.83 12.39 -22.51
C ILE A 180 -32.09 11.81 -21.87
N HIS A 181 -33.18 12.58 -21.87
CA HIS A 181 -34.43 12.12 -21.27
C HIS A 181 -35.24 11.27 -22.25
N HIS A 182 -35.81 10.20 -21.74
CA HIS A 182 -36.64 9.27 -22.51
C HIS A 182 -38.00 9.20 -21.81
N PRO A 183 -38.98 9.98 -22.23
CA PRO A 183 -40.30 9.95 -21.58
C PRO A 183 -40.94 8.59 -21.71
N PRO A 184 -41.85 8.24 -20.81
CA PRO A 184 -42.47 6.90 -20.87
C PRO A 184 -43.61 6.80 -21.88
N ASN A 185 -44.15 7.90 -22.40
CA ASN A 185 -45.23 7.82 -23.37
C ASN A 185 -45.28 9.09 -24.23
N SER A 186 -45.80 8.90 -25.45
CA SER A 186 -45.85 9.95 -26.46
C SER A 186 -46.49 11.24 -25.95
N LYS A 187 -47.43 11.13 -25.02
CA LYS A 187 -48.08 12.31 -24.44
C LYS A 187 -47.05 13.20 -23.73
N GLU A 188 -46.30 12.61 -22.79
CA GLU A 188 -45.27 13.35 -22.06
C GLU A 188 -44.24 13.94 -23.02
N GLN A 189 -43.82 13.15 -24.01
CA GLN A 189 -42.86 13.65 -25.00
C GLN A 189 -43.32 14.98 -25.57
N GLN A 190 -44.48 14.96 -26.26
CA GLN A 190 -44.99 16.16 -26.90
C GLN A 190 -45.25 17.26 -25.88
N ASN A 191 -45.67 16.91 -24.68
CA ASN A 191 -45.95 17.94 -23.69
C ASN A 191 -44.67 18.67 -23.26
N LEU A 192 -43.55 17.94 -23.15
CA LEU A 192 -42.29 18.54 -22.69
C LEU A 192 -41.47 19.15 -23.81
N TYR A 193 -41.55 18.60 -25.03
CA TYR A 193 -40.64 18.99 -26.11
C TYR A 193 -41.32 19.29 -27.45
N GLN A 194 -42.63 19.08 -27.59
CA GLN A 194 -43.42 19.56 -28.72
C GLN A 194 -42.98 19.00 -30.07
N ASN A 195 -42.06 18.03 -30.10
CA ASN A 195 -41.56 17.47 -31.35
C ASN A 195 -41.41 15.97 -31.10
N GLU A 196 -42.41 15.18 -31.46
CA GLU A 196 -42.36 13.76 -31.12
C GLU A 196 -41.15 13.07 -31.75
N ASN A 197 -40.65 13.58 -32.87
CA ASN A 197 -39.45 13.03 -33.51
C ASN A 197 -38.28 13.97 -33.25
N ALA A 198 -37.75 13.89 -32.03
CA ALA A 198 -36.66 14.74 -31.59
C ALA A 198 -35.33 14.01 -31.72
N TYR A 199 -34.25 14.76 -31.52
CA TYR A 199 -32.91 14.19 -31.50
C TYR A 199 -31.99 15.17 -30.79
N VAL A 200 -30.87 14.64 -30.31
CA VAL A 200 -29.78 15.44 -29.74
C VAL A 200 -28.48 15.01 -30.42
N SER A 201 -27.63 15.99 -30.71
CA SER A 201 -26.31 15.72 -31.24
C SER A 201 -25.29 16.44 -30.36
N VAL A 202 -24.21 15.73 -30.01
CA VAL A 202 -23.08 16.32 -29.31
C VAL A 202 -21.84 16.00 -30.13
N VAL A 203 -21.04 17.02 -30.42
CA VAL A 203 -19.88 16.88 -31.28
C VAL A 203 -18.77 17.76 -30.73
N THR A 204 -17.57 17.20 -30.65
CA THR A 204 -16.36 17.99 -30.49
C THR A 204 -15.52 17.81 -31.74
N SER A 205 -14.20 17.91 -31.60
CA SER A 205 -13.35 17.59 -32.74
C SER A 205 -13.05 16.10 -32.80
N ASN A 206 -13.15 15.39 -31.67
CA ASN A 206 -12.88 13.97 -31.58
C ASN A 206 -14.03 13.19 -30.95
N TYR A 207 -15.22 13.78 -30.86
CA TYR A 207 -16.38 13.07 -30.33
C TYR A 207 -17.57 13.36 -31.21
N ASN A 208 -18.38 12.33 -31.44
CA ASN A 208 -19.47 12.44 -32.41
C ASN A 208 -20.53 11.43 -31.98
N ARG A 209 -21.61 11.93 -31.40
CA ARG A 209 -22.72 11.05 -31.05
C ARG A 209 -24.06 11.76 -31.27
N ARG A 210 -25.05 10.98 -31.67
CA ARG A 210 -26.40 11.47 -31.92
C ARG A 210 -27.37 10.59 -31.15
N PHE A 211 -28.35 11.21 -30.51
CA PHE A 211 -29.25 10.51 -29.62
C PHE A 211 -30.70 10.69 -30.05
N THR A 212 -31.47 9.62 -29.89
CA THR A 212 -32.87 9.53 -30.25
C THR A 212 -33.63 9.03 -29.03
N PRO A 213 -34.71 9.70 -28.61
CA PRO A 213 -35.49 9.18 -27.49
C PRO A 213 -36.11 7.84 -27.84
N GLU A 214 -36.12 6.95 -26.85
CA GLU A 214 -36.84 5.68 -26.93
C GLU A 214 -37.99 5.78 -25.95
N ILE A 215 -39.22 5.90 -26.47
CA ILE A 215 -40.38 6.18 -25.65
C ILE A 215 -41.15 4.88 -25.43
N ALA A 216 -41.22 4.46 -24.17
CA ALA A 216 -41.91 3.24 -23.75
C ALA A 216 -42.20 3.35 -22.26
N GLU A 217 -43.16 2.56 -21.81
CA GLU A 217 -43.53 2.54 -20.40
C GLU A 217 -42.77 1.41 -19.71
N ARG A 218 -41.92 1.77 -18.77
CA ARG A 218 -40.98 0.85 -18.15
C ARG A 218 -41.32 0.65 -16.68
N PRO A 219 -40.82 -0.41 -16.05
CA PRO A 219 -41.03 -0.55 -14.61
C PRO A 219 -40.65 0.74 -13.90
N LYS A 220 -41.47 1.14 -12.93
CA LYS A 220 -41.18 2.37 -12.21
C LYS A 220 -39.98 2.17 -11.30
N VAL A 221 -39.10 3.17 -11.27
CA VAL A 221 -37.87 3.17 -10.47
C VAL A 221 -37.74 4.54 -9.86
N ARG A 222 -37.66 4.61 -8.54
CA ARG A 222 -37.81 5.89 -7.82
C ARG A 222 -39.05 6.62 -8.31
N ASP A 223 -40.11 5.85 -8.57
CA ASP A 223 -41.43 6.36 -8.93
C ASP A 223 -41.43 7.03 -10.30
N GLN A 224 -40.63 6.52 -11.24
CA GLN A 224 -40.55 7.10 -12.57
C GLN A 224 -40.54 5.99 -13.59
N ALA A 225 -41.48 6.07 -14.54
CA ALA A 225 -41.42 5.18 -15.69
C ALA A 225 -40.56 5.74 -16.80
N GLY A 226 -40.26 7.04 -16.78
CA GLY A 226 -39.30 7.61 -17.69
C GLY A 226 -37.86 7.20 -17.34
N ARG A 227 -36.96 7.54 -18.26
CA ARG A 227 -35.54 7.25 -18.08
C ARG A 227 -34.71 8.46 -18.49
N MET A 228 -33.49 8.49 -17.95
CA MET A 228 -32.51 9.52 -18.29
C MET A 228 -31.15 8.83 -18.40
N ASN A 229 -30.57 8.83 -19.59
CA ASN A 229 -29.21 8.33 -19.74
C ASN A 229 -28.22 9.49 -19.63
N TYR A 230 -27.07 9.18 -19.05
CA TYR A 230 -26.04 10.18 -18.77
C TYR A 230 -24.78 9.85 -19.54
N TYR A 231 -24.17 10.90 -20.11
CA TYR A 231 -23.03 10.77 -20.99
C TYR A 231 -21.99 11.82 -20.61
N TRP A 232 -20.74 11.51 -20.95
CA TRP A 232 -19.64 12.43 -20.66
C TRP A 232 -18.63 12.35 -21.78
N THR A 233 -17.74 13.34 -21.82
CA THR A 233 -16.59 13.32 -22.70
C THR A 233 -15.61 14.36 -22.20
N LEU A 234 -14.34 14.16 -22.53
CA LEU A 234 -13.26 15.08 -22.15
C LEU A 234 -13.01 16.02 -23.31
N LEU A 235 -13.11 17.32 -23.06
CA LEU A 235 -12.91 18.32 -24.10
C LEU A 235 -11.46 18.80 -24.03
N LYS A 236 -10.75 18.63 -25.14
CA LYS A 236 -9.33 18.93 -25.17
C LYS A 236 -9.10 20.43 -25.19
N PRO A 237 -8.03 20.90 -24.53
CA PRO A 237 -7.73 22.33 -24.50
C PRO A 237 -7.79 22.95 -25.90
N GLY A 238 -8.54 24.04 -26.01
CA GLY A 238 -8.75 24.69 -27.28
C GLY A 238 -9.83 24.08 -28.14
N ASP A 239 -10.37 22.92 -27.79
CA ASP A 239 -11.41 22.33 -28.62
C ASP A 239 -12.77 22.92 -28.29
N THR A 240 -13.73 22.65 -29.16
CA THR A 240 -15.08 23.19 -29.08
C THR A 240 -16.08 22.04 -28.99
N ILE A 241 -17.01 22.13 -28.05
CA ILE A 241 -18.13 21.19 -27.96
C ILE A 241 -19.40 21.90 -28.41
N ILE A 242 -20.22 21.20 -29.20
CA ILE A 242 -21.44 21.75 -29.76
C ILE A 242 -22.62 20.84 -29.43
N PHE A 243 -23.65 21.41 -28.81
CA PHE A 243 -24.90 20.72 -28.57
C PHE A 243 -25.96 21.22 -29.54
N GLU A 244 -26.82 20.32 -29.99
CA GLU A 244 -27.85 20.66 -30.96
C GLU A 244 -29.03 19.72 -30.73
N ALA A 245 -30.20 20.27 -30.44
CA ALA A 245 -31.35 19.46 -30.09
C ALA A 245 -32.65 20.18 -30.41
N ASN A 246 -33.67 19.38 -30.75
CA ASN A 246 -35.05 19.82 -30.75
C ASN A 246 -35.87 19.10 -29.68
N GLY A 247 -35.22 18.66 -28.61
CA GLY A 247 -35.88 18.02 -27.49
C GLY A 247 -34.92 17.20 -26.66
N ASN A 248 -35.40 16.80 -25.48
CA ASN A 248 -34.88 15.70 -24.68
C ASN A 248 -33.46 15.91 -24.16
N LEU A 249 -32.90 17.10 -24.33
CA LEU A 249 -31.53 17.35 -23.89
C LEU A 249 -31.54 17.80 -22.44
N ILE A 250 -30.80 17.07 -21.60
CA ILE A 250 -30.45 17.52 -20.26
C ILE A 250 -29.08 18.16 -20.40
N ALA A 251 -29.07 19.46 -20.49
CA ALA A 251 -27.90 20.23 -20.89
C ALA A 251 -26.89 20.38 -19.76
N PRO A 252 -25.62 20.48 -20.10
CA PRO A 252 -24.61 20.86 -19.09
C PRO A 252 -24.86 22.29 -18.64
N MET A 253 -24.73 22.49 -17.34
CA MET A 253 -24.68 23.83 -16.76
C MET A 253 -23.31 24.10 -16.14
N TYR A 254 -22.81 23.17 -15.31
CA TYR A 254 -21.47 23.23 -14.74
C TYR A 254 -20.61 22.12 -15.33
N ALA A 255 -19.33 22.42 -15.54
CA ALA A 255 -18.35 21.47 -16.02
C ALA A 255 -17.09 21.58 -15.16
N PHE A 256 -16.12 20.69 -15.39
CA PHE A 256 -14.94 20.58 -14.54
C PHE A 256 -13.66 20.68 -15.37
N ALA A 257 -12.81 21.66 -15.03
CA ALA A 257 -11.47 21.78 -15.60
C ALA A 257 -10.49 20.98 -14.76
N LEU A 258 -9.96 19.90 -15.33
CA LEU A 258 -9.22 18.90 -14.55
C LEU A 258 -7.72 19.19 -14.56
N SER A 259 -7.07 18.84 -13.46
CA SER A 259 -5.62 18.84 -13.35
CA SER A 259 -5.62 18.84 -13.38
C SER A 259 -5.17 17.45 -12.92
N ARG A 260 -4.24 16.85 -13.66
CA ARG A 260 -3.83 15.49 -13.38
C ARG A 260 -2.78 15.45 -12.28
N GLY A 261 -2.74 14.32 -11.58
CA GLY A 261 -1.72 14.06 -10.58
C GLY A 261 -1.24 12.62 -10.64
N PHE A 262 -0.44 12.21 -9.66
CA PHE A 262 0.08 10.85 -9.64
C PHE A 262 -0.12 10.25 -8.27
N GLY A 263 -0.38 8.95 -8.24
CA GLY A 263 -0.51 8.26 -6.98
C GLY A 263 -1.81 8.49 -6.26
N SER A 264 -2.85 8.90 -6.98
CA SER A 264 -4.18 8.99 -6.41
C SER A 264 -4.97 7.72 -6.72
N GLY A 265 -6.15 7.62 -6.14
CA GLY A 265 -7.03 6.51 -6.46
C GLY A 265 -8.30 6.55 -5.62
N ILE A 266 -9.20 5.64 -5.96
CA ILE A 266 -10.46 5.50 -5.26
C ILE A 266 -10.37 4.27 -4.39
N ILE A 267 -10.83 4.39 -3.14
CA ILE A 267 -10.87 3.27 -2.22
C ILE A 267 -12.21 3.31 -1.49
N THR A 268 -12.63 2.15 -0.98
CA THR A 268 -13.83 2.05 -0.16
C THR A 268 -13.42 1.78 1.27
N SER A 269 -13.93 2.59 2.20
CA SER A 269 -13.49 2.45 3.59
C SER A 269 -14.58 2.75 4.63
N ASN A 270 -14.68 1.83 5.60
CA ASN A 270 -15.40 2.01 6.86
C ASN A 270 -14.86 3.12 7.73
N ALA A 271 -13.60 3.53 7.53
CA ALA A 271 -12.83 4.24 8.55
C ALA A 271 -13.11 5.74 8.55
N SER A 272 -12.81 6.37 9.69
CA SER A 272 -13.08 7.78 9.91
C SER A 272 -11.84 8.64 9.67
N MET A 273 -12.05 9.80 9.04
CA MET A 273 -11.03 10.82 8.92
C MET A 273 -10.46 11.20 10.29
N HIS A 274 -9.18 11.58 10.30
CA HIS A 274 -8.54 11.95 11.55
C HIS A 274 -7.50 13.03 11.26
N GLU A 275 -7.08 13.72 12.31
CA GLU A 275 -6.05 14.75 12.17
C GLU A 275 -4.68 14.08 12.26
N CYS A 276 -4.27 13.50 11.13
CA CYS A 276 -3.03 12.75 11.00
C CYS A 276 -2.51 12.96 9.60
N ASN A 277 -1.22 12.70 9.42
CA ASN A 277 -0.62 12.73 8.09
C ASN A 277 0.18 11.45 7.93
N THR A 278 0.14 10.90 6.73
CA THR A 278 0.72 9.60 6.46
C THR A 278 1.34 9.61 5.07
N LYS A 279 2.28 8.69 4.86
CA LYS A 279 2.83 8.39 3.55
C LYS A 279 2.14 7.19 2.93
N CYS A 280 1.38 6.43 3.71
CA CYS A 280 0.81 5.18 3.25
C CYS A 280 -0.56 5.02 3.87
N GLN A 281 -1.60 4.96 3.03
CA GLN A 281 -2.97 4.80 3.48
C GLN A 281 -3.57 3.52 2.89
N THR A 282 -4.11 2.67 3.75
CA THR A 282 -4.96 1.57 3.33
C THR A 282 -6.42 1.88 3.69
N PRO A 283 -7.38 1.10 3.19
CA PRO A 283 -8.77 1.34 3.59
C PRO A 283 -9.04 1.01 5.05
N LEU A 284 -8.19 0.20 5.70
CA LEU A 284 -8.37 -0.12 7.10
C LEU A 284 -7.70 0.87 8.04
N GLY A 285 -6.77 1.67 7.53
CA GLY A 285 -5.94 2.50 8.37
C GLY A 285 -4.67 2.90 7.66
N ALA A 286 -3.92 3.78 8.31
CA ALA A 286 -2.66 4.29 7.80
C ALA A 286 -1.48 3.50 8.38
N ILE A 287 -0.46 3.28 7.55
CA ILE A 287 0.74 2.54 7.93
C ILE A 287 1.89 3.51 8.05
N ASN A 288 2.60 3.45 9.16
CA ASN A 288 3.83 4.22 9.38
C ASN A 288 4.93 3.19 9.65
N SER A 289 5.68 2.83 8.60
CA SER A 289 6.51 1.64 8.65
C SER A 289 7.67 1.75 7.68
N SER A 290 8.79 1.15 8.08
CA SER A 290 9.94 0.94 7.23
C SER A 290 10.08 -0.52 6.81
N LEU A 291 9.21 -1.40 7.29
CA LEU A 291 9.29 -2.82 6.95
C LEU A 291 8.91 -3.05 5.48
N PRO A 292 9.49 -4.07 4.85
CA PRO A 292 9.25 -4.27 3.41
C PRO A 292 7.95 -4.94 3.06
N TYR A 293 7.32 -5.67 4.00
CA TYR A 293 6.08 -6.39 3.75
C TYR A 293 5.01 -5.97 4.73
N GLN A 294 3.76 -6.28 4.38
CA GLN A 294 2.62 -6.02 5.24
C GLN A 294 1.49 -6.98 4.86
N ASN A 295 0.74 -7.44 5.87
CA ASN A 295 -0.44 -8.28 5.63
C ASN A 295 -1.72 -7.55 6.04
N ILE A 296 -1.74 -6.24 5.89
CA ILE A 296 -2.87 -5.46 6.35
C ILE A 296 -3.93 -5.38 5.28
N HIS A 297 -3.55 -4.94 4.08
CA HIS A 297 -4.53 -4.83 3.04
C HIS A 297 -3.88 -4.73 1.67
N PRO A 298 -4.41 -5.41 0.65
CA PRO A 298 -3.83 -5.27 -0.70
C PRO A 298 -4.00 -3.87 -1.29
N VAL A 299 -4.99 -3.07 -0.84
CA VAL A 299 -5.23 -1.76 -1.47
C VAL A 299 -4.43 -0.70 -0.72
N THR A 300 -3.62 0.06 -1.46
CA THR A 300 -2.71 0.99 -0.83
C THR A 300 -2.63 2.28 -1.62
N ILE A 301 -2.57 3.39 -0.90
CA ILE A 301 -2.28 4.71 -1.46
C ILE A 301 -0.96 5.18 -0.87
N GLY A 302 -0.10 5.71 -1.72
CA GLY A 302 1.14 6.31 -1.28
C GLY A 302 2.32 5.38 -1.51
N GLU A 303 3.14 5.20 -0.47
CA GLU A 303 4.39 4.46 -0.54
C GLU A 303 4.35 3.45 0.60
N CYS A 304 4.10 2.21 0.26
CA CYS A 304 3.68 1.22 1.24
C CYS A 304 4.59 0.01 1.19
N PRO A 305 4.60 -0.79 2.24
CA PRO A 305 5.21 -2.12 2.14
C PRO A 305 4.38 -3.00 1.21
N LYS A 306 5.02 -4.06 0.73
CA LYS A 306 4.40 -4.99 -0.19
C LYS A 306 3.42 -5.90 0.55
N TYR A 307 2.20 -6.03 0.01
CA TYR A 307 1.21 -6.91 0.61
C TYR A 307 1.53 -8.39 0.33
N VAL A 308 1.43 -9.22 1.37
CA VAL A 308 1.62 -10.67 1.25
C VAL A 308 0.58 -11.35 2.13
N ARG A 309 0.31 -12.63 1.84
CA ARG A 309 -0.64 -13.38 2.67
C ARG A 309 -0.04 -13.88 3.98
N SER A 310 1.25 -13.68 4.21
CA SER A 310 1.96 -14.33 5.31
C SER A 310 1.45 -13.88 6.67
N ALA A 311 1.39 -14.82 7.60
CA ALA A 311 1.12 -14.48 8.99
C ALA A 311 2.37 -14.06 9.74
N LYS A 312 3.54 -14.53 9.29
CA LYS A 312 4.79 -14.33 10.02
C LYS A 312 5.94 -14.30 9.02
N LEU A 313 6.74 -13.22 9.07
CA LEU A 313 8.00 -13.14 8.34
C LEU A 313 9.06 -12.58 9.29
N ARG A 314 9.74 -13.47 10.02
CA ARG A 314 10.75 -13.06 10.99
C ARG A 314 12.11 -13.61 10.59
N MET A 315 13.07 -12.73 10.48
CA MET A 315 14.41 -13.06 10.05
C MET A 315 15.32 -13.12 11.28
N VAL A 316 16.04 -14.24 11.44
CA VAL A 316 16.99 -14.37 12.54
C VAL A 316 18.20 -13.50 12.24
N THR A 317 18.65 -12.76 13.24
CA THR A 317 19.92 -12.04 13.14
C THR A 317 20.99 -12.66 14.02
N GLY A 318 20.60 -13.07 15.23
CA GLY A 318 21.52 -13.69 16.17
C GLY A 318 21.65 -15.19 15.97
N LEU A 319 21.69 -15.91 17.07
CA LEU A 319 22.13 -17.29 17.10
C LEU A 319 21.03 -18.17 17.63
N ARG A 320 21.22 -19.47 17.45
CA ARG A 320 20.44 -20.44 18.21
C ARG A 320 20.57 -20.11 19.69
N ASN A 321 19.45 -19.97 20.37
CA ASN A 321 19.47 -19.63 21.78
C ASN A 321 19.50 -20.91 22.58
N ILE A 322 20.63 -21.17 23.24
CA ILE A 322 20.83 -22.39 24.02
C ILE A 322 21.33 -22.00 25.41
N PRO A 323 20.45 -21.51 26.30
CA PRO A 323 20.89 -21.09 27.64
C PRO A 323 21.11 -22.30 28.54
N SER A 324 22.16 -22.23 29.33
CA SER A 324 22.65 -23.42 30.02
C SER A 324 22.35 -23.37 31.53
N GLY B 1 24.29 -28.33 13.42
CA GLY B 1 24.71 -27.25 12.54
C GLY B 1 25.80 -27.71 11.59
N LEU B 2 25.89 -27.06 10.43
CA LEU B 2 26.76 -27.53 9.37
C LEU B 2 28.24 -27.52 9.75
N PHE B 3 28.64 -26.66 10.69
CA PHE B 3 30.07 -26.59 11.01
C PHE B 3 30.43 -27.22 12.35
N GLY B 4 29.47 -27.83 13.04
CA GLY B 4 29.75 -28.72 14.14
C GLY B 4 30.05 -28.06 15.46
N ALA B 5 30.01 -26.72 15.55
CA ALA B 5 30.35 -26.03 16.81
C ALA B 5 29.12 -25.69 17.64
N ILE B 6 28.29 -24.75 17.19
CA ILE B 6 27.11 -24.40 17.95
C ILE B 6 26.17 -25.61 18.03
N ALA B 7 25.66 -25.87 19.23
CA ALA B 7 24.85 -27.06 19.50
C ALA B 7 25.55 -28.34 19.01
N GLY B 8 26.87 -28.30 18.95
CA GLY B 8 27.67 -29.43 18.52
C GLY B 8 28.72 -29.72 19.58
N PHE B 9 29.99 -29.52 19.26
CA PHE B 9 30.97 -29.80 20.30
C PHE B 9 31.10 -28.67 21.31
N ILE B 10 30.48 -27.52 21.09
CA ILE B 10 30.26 -26.53 22.12
C ILE B 10 28.76 -26.58 22.43
N GLU B 11 28.41 -27.35 23.46
CA GLU B 11 27.03 -27.81 23.62
C GLU B 11 26.05 -26.67 23.89
N GLY B 12 26.49 -25.59 24.53
CA GLY B 12 25.54 -24.59 24.97
C GLY B 12 26.10 -23.20 24.87
N GLY B 13 25.20 -22.23 25.01
CA GLY B 13 25.58 -20.84 25.04
C GLY B 13 25.74 -20.33 26.46
N TRP B 14 26.19 -19.07 26.55
CA TRP B 14 26.60 -18.42 27.78
C TRP B 14 25.70 -17.23 28.05
N THR B 15 24.79 -17.34 29.02
CA THR B 15 24.07 -16.13 29.45
C THR B 15 24.99 -15.12 30.09
N GLY B 16 26.13 -15.57 30.63
CA GLY B 16 27.06 -14.67 31.30
C GLY B 16 27.88 -13.80 30.36
N MET B 17 27.91 -14.11 29.06
CA MET B 17 28.63 -13.28 28.10
C MET B 17 27.62 -12.38 27.42
N ILE B 18 27.44 -11.17 27.96
CA ILE B 18 26.29 -10.34 27.60
C ILE B 18 26.56 -9.33 26.48
N ASP B 19 27.81 -9.16 26.04
CA ASP B 19 28.14 -8.02 25.19
C ASP B 19 28.67 -8.41 23.81
N GLY B 20 28.41 -9.63 23.36
CA GLY B 20 28.67 -9.97 21.97
C GLY B 20 28.13 -11.35 21.69
N TRP B 21 28.23 -11.76 20.42
CA TRP B 21 27.74 -13.08 20.01
C TRP B 21 28.73 -14.20 20.30
N TYR B 22 30.03 -13.92 20.22
CA TYR B 22 31.05 -14.93 20.37
C TYR B 22 32.12 -14.40 21.30
N GLY B 23 32.74 -15.31 22.06
CA GLY B 23 33.84 -14.88 22.89
C GLY B 23 34.49 -15.95 23.73
N TYR B 24 34.99 -15.51 24.89
CA TYR B 24 35.92 -16.29 25.69
C TYR B 24 35.48 -16.37 27.15
N HIS B 25 35.72 -17.51 27.75
CA HIS B 25 35.66 -17.66 29.19
C HIS B 25 37.03 -18.13 29.67
N HIS B 26 37.58 -17.46 30.67
CA HIS B 26 38.91 -17.78 31.14
C HIS B 26 38.87 -18.14 32.61
N GLN B 27 39.87 -18.90 33.03
CA GLN B 27 40.07 -19.18 34.44
C GLN B 27 41.55 -19.33 34.70
N ASN B 28 42.05 -18.49 35.59
CA ASN B 28 43.42 -18.61 36.06
C ASN B 28 43.40 -18.34 37.55
N GLU B 29 44.59 -18.10 38.10
CA GLU B 29 44.71 -17.89 39.53
C GLU B 29 44.07 -16.56 39.95
N GLN B 30 44.24 -15.51 39.13
CA GLN B 30 43.58 -14.23 39.40
C GLN B 30 42.07 -14.30 39.34
N GLY B 31 41.49 -15.37 38.83
CA GLY B 31 40.04 -15.51 38.77
C GLY B 31 39.49 -15.99 37.44
N SER B 32 38.24 -15.62 37.14
CA SER B 32 37.54 -16.14 35.98
C SER B 32 36.63 -15.06 35.44
N GLY B 33 36.23 -15.21 34.17
CA GLY B 33 35.33 -14.24 33.58
C GLY B 33 35.09 -14.47 32.11
N TYR B 34 34.07 -13.77 31.61
CA TYR B 34 33.66 -13.74 30.21
C TYR B 34 34.16 -12.47 29.52
N ALA B 35 34.56 -12.60 28.26
CA ALA B 35 34.86 -11.46 27.43
C ALA B 35 34.42 -11.76 26.00
N ALA B 36 33.67 -10.84 25.40
CA ALA B 36 33.31 -11.01 24.00
C ALA B 36 34.52 -10.74 23.11
N ASP B 37 34.65 -11.53 22.04
CA ASP B 37 35.62 -11.23 20.99
C ASP B 37 35.01 -10.16 20.11
N GLN B 38 35.54 -8.94 20.23
CA GLN B 38 34.90 -7.80 19.59
C GLN B 38 34.94 -7.93 18.07
N LYS B 39 36.05 -8.45 17.53
CA LYS B 39 36.27 -8.39 16.09
C LYS B 39 35.36 -9.39 15.36
N SER B 40 35.29 -10.62 15.85
CA SER B 40 34.46 -11.60 15.18
C SER B 40 32.98 -11.23 15.32
N THR B 41 32.58 -10.71 16.49
CA THR B 41 31.23 -10.20 16.65
C THR B 41 30.96 -9.08 15.64
N GLN B 42 31.87 -8.12 15.53
CA GLN B 42 31.60 -6.99 14.65
C GLN B 42 31.54 -7.41 13.18
N ASN B 43 32.43 -8.30 12.75
CA ASN B 43 32.37 -8.79 11.37
C ASN B 43 31.01 -9.42 11.10
N ALA B 44 30.52 -10.25 12.03
CA ALA B 44 29.23 -10.89 11.83
C ALA B 44 28.13 -9.83 11.77
N ILE B 45 28.23 -8.80 12.61
CA ILE B 45 27.22 -7.76 12.62
C ILE B 45 27.22 -7.02 11.30
N ASN B 46 28.41 -6.74 10.75
CA ASN B 46 28.47 -6.13 9.44
C ASN B 46 27.78 -7.00 8.39
N GLY B 47 28.03 -8.31 8.42
CA GLY B 47 27.43 -9.19 7.44
C GLY B 47 25.91 -9.25 7.53
N ILE B 48 25.38 -9.36 8.74
CA ILE B 48 23.95 -9.53 8.87
C ILE B 48 23.21 -8.21 8.68
N THR B 49 23.81 -7.08 9.06
CA THR B 49 23.26 -5.78 8.68
C THR B 49 23.10 -5.68 7.17
N ASN B 50 24.12 -6.14 6.44
CA ASN B 50 24.08 -6.06 5.00
C ASN B 50 23.03 -7.01 4.42
N LYS B 51 22.87 -8.20 5.04
CA LYS B 51 21.84 -9.14 4.63
C LYS B 51 20.43 -8.58 4.82
N VAL B 52 20.16 -8.04 6.02
CA VAL B 52 18.85 -7.42 6.27
C VAL B 52 18.62 -6.29 5.28
N ASN B 53 19.64 -5.47 5.04
CA ASN B 53 19.44 -4.36 4.16
C ASN B 53 19.29 -4.78 2.70
N THR B 54 19.79 -5.96 2.33
CA THR B 54 19.56 -6.45 0.99
C THR B 54 18.09 -6.77 0.76
N VAL B 55 17.48 -7.50 1.70
CA VAL B 55 16.05 -7.77 1.61
C VAL B 55 15.27 -6.46 1.46
N ILE B 56 15.60 -5.49 2.30
CA ILE B 56 14.95 -4.18 2.25
C ILE B 56 15.11 -3.56 0.88
N GLU B 57 16.36 -3.45 0.41
CA GLU B 57 16.61 -2.80 -0.86
C GLU B 57 15.91 -3.50 -2.02
N LYS B 58 15.88 -4.83 -2.01
CA LYS B 58 15.31 -5.52 -3.17
C LYS B 58 13.80 -5.40 -3.23
N MET B 59 13.11 -5.19 -2.11
CA MET B 59 11.65 -5.03 -2.18
C MET B 59 11.24 -3.64 -2.63
N ASN B 60 12.05 -2.63 -2.35
CA ASN B 60 11.80 -1.30 -2.89
C ASN B 60 10.58 -0.74 -2.20
N ILE B 61 9.61 -0.25 -2.98
CA ILE B 61 8.42 0.42 -2.46
C ILE B 61 7.22 0.05 -3.33
N GLN B 62 6.13 -0.35 -2.67
CA GLN B 62 4.85 -0.56 -3.33
C GLN B 62 4.16 0.80 -3.50
N PHE B 63 4.01 1.25 -4.75
CA PHE B 63 3.25 2.45 -5.02
C PHE B 63 1.76 2.14 -5.09
N THR B 64 0.96 3.18 -5.27
CA THR B 64 -0.49 3.10 -5.21
C THR B 64 -1.06 1.96 -6.06
N ALA B 65 -1.87 1.12 -5.42
CA ALA B 65 -2.48 -0.06 -6.06
C ALA B 65 -3.89 -0.22 -5.49
N VAL B 66 -4.91 0.01 -6.32
CA VAL B 66 -6.30 0.04 -5.86
C VAL B 66 -7.14 -0.92 -6.68
N GLY B 67 -8.33 -1.22 -6.16
CA GLY B 67 -9.28 -2.01 -6.92
C GLY B 67 -9.76 -1.30 -8.17
N LYS B 68 -10.35 -2.07 -9.06
CA LYS B 68 -10.89 -1.55 -10.30
C LYS B 68 -12.33 -2.03 -10.42
N GLU B 69 -13.14 -1.30 -11.19
CA GLU B 69 -14.58 -1.57 -11.29
C GLU B 69 -14.95 -1.99 -12.72
N PHE B 70 -15.85 -2.97 -12.81
CA PHE B 70 -16.33 -3.48 -14.08
C PHE B 70 -17.84 -3.58 -14.07
N ASN B 71 -18.48 -3.24 -15.20
CA ASN B 71 -19.94 -3.37 -15.19
C ASN B 71 -20.33 -4.83 -15.45
N LYS B 72 -21.65 -5.08 -15.47
CA LYS B 72 -22.19 -6.43 -15.44
C LYS B 72 -21.87 -7.22 -16.70
N LEU B 73 -21.51 -6.56 -17.80
CA LEU B 73 -21.11 -7.26 -19.02
C LEU B 73 -19.60 -7.24 -19.22
N GLU B 74 -18.83 -7.07 -18.16
CA GLU B 74 -17.38 -7.10 -18.20
C GLU B 74 -16.84 -8.14 -17.24
N LYS B 75 -17.51 -9.30 -17.20
CA LYS B 75 -17.11 -10.35 -16.27
C LYS B 75 -15.76 -10.95 -16.64
N ARG B 76 -15.56 -11.24 -17.93
CA ARG B 76 -14.28 -11.78 -18.37
C ARG B 76 -13.15 -10.83 -18.00
N MET B 77 -13.36 -9.53 -18.20
CA MET B 77 -12.29 -8.62 -17.85
C MET B 77 -12.12 -8.54 -16.34
N GLU B 78 -13.23 -8.63 -15.61
CA GLU B 78 -13.13 -8.64 -14.17
C GLU B 78 -12.31 -9.83 -13.70
N ASN B 79 -12.60 -11.02 -14.23
CA ASN B 79 -11.88 -12.21 -13.82
C ASN B 79 -10.42 -12.15 -14.24
N LEU B 80 -10.12 -11.51 -15.37
CA LEU B 80 -8.74 -11.39 -15.78
C LEU B 80 -7.97 -10.48 -14.84
N ASN B 81 -8.59 -9.39 -14.41
CA ASN B 81 -7.94 -8.51 -13.45
C ASN B 81 -7.68 -9.23 -12.14
N LYS B 82 -8.64 -10.03 -11.69
CA LYS B 82 -8.48 -10.81 -10.47
C LYS B 82 -7.41 -11.88 -10.63
N LYS B 83 -7.35 -12.54 -11.80
CA LYS B 83 -6.31 -13.53 -12.02
C LYS B 83 -4.93 -12.88 -11.91
N VAL B 84 -4.78 -11.67 -12.48
CA VAL B 84 -3.52 -10.95 -12.41
C VAL B 84 -3.16 -10.63 -10.96
N ASP B 85 -4.11 -10.06 -10.21
CA ASP B 85 -3.84 -9.67 -8.83
C ASP B 85 -3.51 -10.88 -7.96
N ASP B 86 -4.27 -11.96 -8.11
CA ASP B 86 -4.03 -13.16 -7.32
C ASP B 86 -2.71 -13.80 -7.73
N GLY B 87 -2.40 -13.78 -9.02
CA GLY B 87 -1.16 -14.35 -9.49
C GLY B 87 0.04 -13.68 -8.87
N PHE B 88 0.09 -12.34 -8.96
CA PHE B 88 1.20 -11.61 -8.36
C PHE B 88 1.29 -11.85 -6.86
N LEU B 89 0.14 -11.87 -6.18
CA LEU B 89 0.12 -12.09 -4.74
C LEU B 89 0.67 -13.46 -4.36
N ASP B 90 0.32 -14.51 -5.12
CA ASP B 90 0.91 -15.83 -4.90
C ASP B 90 2.42 -15.77 -4.98
N ILE B 91 2.93 -15.07 -5.99
CA ILE B 91 4.36 -15.08 -6.28
C ILE B 91 5.13 -14.32 -5.21
N TRP B 92 4.67 -13.14 -4.82
CA TRP B 92 5.37 -12.37 -3.80
C TRP B 92 5.28 -13.03 -2.42
N THR B 93 4.15 -13.65 -2.09
CA THR B 93 4.08 -14.39 -0.83
C THR B 93 5.08 -15.53 -0.82
N TYR B 94 5.16 -16.24 -1.93
CA TYR B 94 6.10 -17.32 -2.06
C TYR B 94 7.54 -16.82 -1.96
N ASN B 95 7.88 -15.79 -2.73
CA ASN B 95 9.23 -15.23 -2.69
C ASN B 95 9.61 -14.77 -1.29
N ALA B 96 8.70 -14.06 -0.61
CA ALA B 96 9.00 -13.53 0.72
C ALA B 96 9.24 -14.65 1.73
N GLU B 97 8.32 -15.61 1.81
CA GLU B 97 8.46 -16.65 2.81
C GLU B 97 9.67 -17.51 2.54
N LEU B 98 9.95 -17.76 1.26
CA LEU B 98 11.08 -18.61 0.92
C LEU B 98 12.40 -17.90 1.18
N LEU B 99 12.49 -16.63 0.76
CA LEU B 99 13.69 -15.85 1.02
C LEU B 99 14.07 -15.86 2.49
N VAL B 100 13.06 -15.76 3.36
CA VAL B 100 13.30 -15.72 4.80
C VAL B 100 13.74 -17.09 5.32
N LEU B 101 13.03 -18.15 4.93
CA LEU B 101 13.43 -19.50 5.32
C LEU B 101 14.87 -19.78 4.94
N LEU B 102 15.20 -19.59 3.66
CA LEU B 102 16.53 -19.89 3.18
C LEU B 102 17.58 -18.99 3.82
N GLU B 103 17.25 -17.72 4.03
CA GLU B 103 18.27 -16.86 4.61
C GLU B 103 18.43 -17.14 6.09
N ASN B 104 17.37 -17.56 6.77
CA ASN B 104 17.48 -17.95 8.17
C ASN B 104 18.41 -19.15 8.33
N GLU B 105 18.30 -20.14 7.44
CA GLU B 105 19.19 -21.30 7.48
C GLU B 105 20.64 -20.88 7.29
N ARG B 106 20.88 -19.95 6.35
CA ARG B 106 22.24 -19.52 6.11
C ARG B 106 22.77 -18.65 7.24
N THR B 107 21.92 -17.83 7.85
CA THR B 107 22.37 -17.01 8.97
C THR B 107 22.86 -17.88 10.14
N LEU B 108 22.12 -18.95 10.47
CA LEU B 108 22.55 -19.81 11.56
C LEU B 108 23.83 -20.56 11.22
N ASP B 109 23.96 -21.03 9.98
CA ASP B 109 25.20 -21.68 9.58
C ASP B 109 26.37 -20.71 9.63
N PHE B 110 26.13 -19.44 9.27
CA PHE B 110 27.14 -18.38 9.34
C PHE B 110 27.70 -18.24 10.77
N HIS B 111 26.82 -18.10 11.76
CA HIS B 111 27.28 -18.04 13.14
C HIS B 111 28.04 -19.28 13.52
N ASP B 112 27.54 -20.45 13.13
CA ASP B 112 28.21 -21.71 13.45
C ASP B 112 29.62 -21.70 12.90
N SER B 113 29.79 -21.24 11.66
CA SER B 113 31.11 -21.12 11.06
C SER B 113 31.98 -20.10 11.81
N ASN B 114 31.42 -18.96 12.21
CA ASN B 114 32.22 -17.97 12.93
C ASN B 114 32.78 -18.52 14.24
N VAL B 115 31.94 -19.23 15.00
CA VAL B 115 32.38 -19.82 16.26
C VAL B 115 33.49 -20.82 16.01
N LYS B 116 33.27 -21.69 15.02
CA LYS B 116 34.28 -22.66 14.62
C LYS B 116 35.59 -21.99 14.20
N ASN B 117 35.49 -20.94 13.38
CA ASN B 117 36.70 -20.26 12.97
C ASN B 117 37.43 -19.65 14.17
N LEU B 118 36.67 -19.12 15.13
CA LEU B 118 37.29 -18.52 16.31
C LEU B 118 38.03 -19.59 17.11
N TYR B 119 37.42 -20.75 17.28
CA TYR B 119 38.05 -21.84 18.01
C TYR B 119 39.34 -22.26 17.32
N GLU B 120 39.28 -22.54 16.02
CA GLU B 120 40.51 -22.86 15.27
C GLU B 120 41.56 -21.76 15.37
N LYS B 121 41.15 -20.50 15.43
CA LYS B 121 42.14 -19.45 15.56
C LYS B 121 42.90 -19.57 16.88
N VAL B 122 42.18 -19.80 17.99
CA VAL B 122 42.84 -19.92 19.28
C VAL B 122 43.74 -21.16 19.30
N LYS B 123 43.17 -22.32 18.94
CA LYS B 123 43.92 -23.55 18.82
C LYS B 123 45.23 -23.36 18.07
N SER B 124 45.19 -22.56 17.02
CA SER B 124 46.37 -22.39 16.18
C SER B 124 47.42 -21.50 16.86
N GLN B 125 46.99 -20.55 17.69
CA GLN B 125 47.93 -19.77 18.47
C GLN B 125 48.62 -20.60 19.55
N LEU B 126 47.88 -21.48 20.22
CA LEU B 126 48.35 -22.15 21.41
C LEU B 126 49.24 -23.35 21.10
N LYS B 127 49.09 -23.93 19.91
CA LYS B 127 49.79 -25.15 19.51
C LYS B 127 49.86 -26.12 20.68
N ASN B 128 51.06 -26.61 21.06
CA ASN B 128 51.11 -27.62 22.11
C ASN B 128 51.37 -27.04 23.49
N ASN B 129 51.25 -25.71 23.67
CA ASN B 129 51.23 -25.11 24.99
C ASN B 129 49.91 -25.30 25.70
N ALA B 130 48.95 -26.00 25.08
CA ALA B 130 47.69 -26.26 25.75
C ALA B 130 47.10 -27.55 25.24
N LYS B 131 46.23 -28.10 26.05
CA LYS B 131 45.51 -29.33 25.76
C LYS B 131 44.06 -29.01 25.37
N GLU B 132 43.57 -29.64 24.30
CA GLU B 132 42.16 -29.54 23.93
C GLU B 132 41.36 -30.46 24.82
N ILE B 133 40.53 -29.91 25.69
CA ILE B 133 39.78 -30.77 26.61
C ILE B 133 38.32 -30.86 26.20
N GLY B 134 37.99 -30.44 24.98
CA GLY B 134 36.62 -30.54 24.51
C GLY B 134 35.67 -29.49 25.06
N ASN B 135 34.47 -29.48 24.51
CA ASN B 135 33.48 -28.47 24.82
C ASN B 135 34.03 -27.07 24.55
N GLY B 136 35.01 -26.99 23.66
CA GLY B 136 35.60 -25.73 23.25
C GLY B 136 36.65 -25.15 24.16
N CYS B 137 37.16 -25.92 25.13
CA CYS B 137 38.07 -25.40 26.13
C CYS B 137 39.50 -25.88 25.90
N PHE B 138 40.45 -25.02 26.24
CA PHE B 138 41.85 -25.37 26.24
C PHE B 138 42.35 -25.33 27.67
N GLU B 139 43.17 -26.32 28.03
CA GLU B 139 43.84 -26.34 29.32
C GLU B 139 45.31 -26.02 29.07
N PHE B 140 45.75 -24.87 29.58
CA PHE B 140 47.14 -24.47 29.40
C PHE B 140 48.08 -25.42 30.15
N TYR B 141 49.21 -25.71 29.52
CA TYR B 141 50.29 -26.42 30.20
C TYR B 141 51.18 -25.50 31.03
N HIS B 142 50.84 -24.22 31.14
CA HIS B 142 51.63 -23.23 31.84
C HIS B 142 50.67 -22.28 32.54
N LYS B 143 51.23 -21.45 33.41
CA LYS B 143 50.44 -20.42 34.08
C LYS B 143 50.12 -19.32 33.07
N CYS B 144 48.84 -19.03 32.90
CA CYS B 144 48.42 -17.97 31.98
C CYS B 144 47.68 -16.93 32.81
N ASP B 145 48.38 -15.84 33.14
CA ASP B 145 47.79 -14.77 33.93
C ASP B 145 46.92 -13.89 33.02
N ASN B 146 46.35 -12.81 33.60
CA ASN B 146 45.39 -12.01 32.85
C ASN B 146 46.02 -11.41 31.60
N GLU B 147 47.27 -11.00 31.70
CA GLU B 147 47.93 -10.44 30.52
C GLU B 147 48.10 -11.48 29.42
N CYS B 148 48.57 -12.69 29.78
CA CYS B 148 48.64 -13.78 28.83
C CYS B 148 47.25 -14.08 28.25
N MET B 149 46.23 -14.15 29.10
CA MET B 149 44.87 -14.38 28.63
C MET B 149 44.48 -13.36 27.57
N GLU B 150 44.71 -12.08 27.85
CA GLU B 150 44.37 -11.02 26.91
C GLU B 150 45.11 -11.21 25.58
N SER B 151 46.37 -11.64 25.62
CA SER B 151 47.11 -11.83 24.39
C SER B 151 46.51 -12.95 23.54
N VAL B 152 45.96 -13.98 24.16
CA VAL B 152 45.19 -14.97 23.41
C VAL B 152 43.96 -14.33 22.79
N ARG B 153 43.21 -13.54 23.58
CA ARG B 153 41.94 -12.98 23.12
C ARG B 153 42.13 -12.01 21.97
N ASN B 154 43.30 -11.37 21.88
CA ASN B 154 43.52 -10.38 20.83
C ASN B 154 44.59 -10.81 19.84
N GLY B 155 44.96 -12.09 19.83
CA GLY B 155 45.74 -12.66 18.75
C GLY B 155 47.23 -12.37 18.77
N THR B 156 47.83 -12.15 19.96
CA THR B 156 49.25 -11.88 20.08
C THR B 156 49.90 -12.81 21.08
N TYR B 157 49.33 -14.00 21.26
CA TYR B 157 49.86 -14.92 22.25
C TYR B 157 51.27 -15.37 21.87
N ASP B 158 52.19 -15.28 22.85
CA ASP B 158 53.62 -15.53 22.63
C ASP B 158 53.89 -17.02 22.89
N TYR B 159 53.85 -17.82 21.83
CA TYR B 159 54.08 -19.25 22.01
C TYR B 159 55.46 -19.59 22.55
N PRO B 160 56.56 -19.05 21.99
CA PRO B 160 57.88 -19.46 22.51
C PRO B 160 58.11 -19.02 23.95
N LYS B 161 57.49 -17.91 24.38
CA LYS B 161 57.68 -17.43 25.75
C LYS B 161 57.30 -18.50 26.78
N TYR B 162 56.42 -19.41 26.42
CA TYR B 162 55.94 -20.40 27.37
C TYR B 162 56.22 -21.83 26.94
N SER B 163 56.91 -22.05 25.81
CA SER B 163 57.06 -23.42 25.31
C SER B 163 57.81 -24.29 26.30
N GLU B 164 58.89 -23.77 26.89
CA GLU B 164 59.72 -24.62 27.77
C GLU B 164 58.94 -25.03 29.01
N GLU B 165 58.38 -24.05 29.74
CA GLU B 165 57.52 -24.40 30.86
C GLU B 165 56.41 -25.38 30.45
N SER B 166 55.87 -25.23 29.22
CA SER B 166 54.79 -26.10 28.78
C SER B 166 55.30 -27.51 28.48
N LYS B 167 56.45 -27.61 27.80
CA LYS B 167 57.03 -28.92 27.49
C LYS B 167 57.28 -29.72 28.77
N LEU B 168 57.73 -29.05 29.82
CA LEU B 168 58.02 -29.75 31.07
C LEU B 168 56.75 -30.28 31.72
N ASN B 169 55.72 -29.44 31.81
CA ASN B 169 54.45 -29.90 32.39
C ASN B 169 53.82 -30.97 31.52
N ARG B 170 53.94 -30.85 30.20
CA ARG B 170 53.48 -31.90 29.29
C ARG B 170 54.35 -33.15 29.40
N GLU B 171 55.60 -32.99 29.89
CA GLU B 171 56.59 -34.05 30.13
C GLU B 171 56.66 -35.04 28.97
N GLY C 20 28.78 -0.37 19.44
CA GLY C 20 28.72 -0.69 20.86
C GLY C 20 27.71 0.05 21.71
N GLY C 26 14.44 7.10 18.02
CA GLY C 26 13.60 8.11 17.40
C GLY C 26 13.30 7.84 15.94
N GLY C 28 15.09 6.61 13.84
CA GLY C 28 16.28 6.79 13.02
C GLY C 28 17.01 5.50 12.71
N GLY C 31 19.13 0.81 17.87
CA GLY C 31 18.54 -0.22 18.71
C GLY C 31 18.91 -0.06 20.17
#